data_2XN7
#
_entry.id   2XN7
#
_cell.length_a   174.030
_cell.length_b   42.550
_cell.length_c   56.220
_cell.angle_alpha   90.00
_cell.angle_beta   90.00
_cell.angle_gamma   90.00
#
_symmetry.space_group_name_H-M   'P 21 21 2'
#
loop_
_entity.id
_entity.type
_entity.pdbx_description
1 polymer 'THYROXINE-BINDING GLOBULIN'
2 polymer 'THYROXINE-BINDING GLOBULIN'
3 non-polymer "3,5,3',5'-TETRAIODO-L-THYRONINE"
4 non-polymer "3',6'-DIHYDROXY-3-OXO-3H-SPIRO[2-BENZOFURAN-1,9'-XANTHENE]-5-CARBOXYLIC ACID"
5 non-polymer 1,2-ETHANEDIOL
6 non-polymer 'CALCIUM ION'
7 water water
#
loop_
_entity_poly.entity_id
_entity_poly.type
_entity_poly.pdbx_seq_one_letter_code
_entity_poly.pdbx_strand_id
1 'polypeptide(L)'
;SSQPNATLYKMSSINADFAFNLYRRFTVETPDKNIFFSPVSISAALVMLSFGACCSTQTEIVETLGFNLTDTPMVEIQHG
FQHLICSLNFPKKELELQIGNALFIGKHLKPLAKFLNDVKTLYETEVFSTDFSNISAAKQEINSHVEMQTKGKVVGLIQD
LKPNTIMVLVNYIHFKAQWANPFDPSKTEDSSSFLIDKTTTVQVPMMHQMEQYYHLVDMELNCTVLQMDYSKNALALFVL
PKEGQMESVEAAMSSKTLKKWNRLLQKGWVDLFVPKFSISATYDLGATLLKMGIQHAYSENADFSGLTEDNGLKLSNAAH
KAVLHIGEKGTEAAGAMFLEAIPRSIPNTF
;
A
2 'polypeptide(L)' LHPIIQIDRSFMLLILERSTRSILFLGKVVNPTEA B
#
# COMPACT_ATOMS: atom_id res chain seq x y z
N ALA A 6 -14.53 14.39 1.63
CA ALA A 6 -16.02 14.32 1.51
C ALA A 6 -16.41 13.38 0.38
N THR A 7 -16.14 13.81 -0.86
CA THR A 7 -16.44 12.99 -2.04
C THR A 7 -15.45 11.83 -2.15
N LEU A 8 -14.23 12.05 -1.66
CA LEU A 8 -13.18 11.03 -1.67
C LEU A 8 -13.40 9.96 -0.60
N TYR A 9 -14.10 10.32 0.48
CA TYR A 9 -14.20 9.45 1.66
C TYR A 9 -14.83 8.09 1.39
N LYS A 10 -15.93 8.06 0.63
CA LYS A 10 -16.66 6.82 0.34
C LYS A 10 -15.76 5.82 -0.39
N MET A 11 -15.00 6.34 -1.35
CA MET A 11 -14.02 5.55 -2.07
C MET A 11 -12.87 5.07 -1.19
N SER A 12 -12.24 6.00 -0.45
CA SER A 12 -11.11 5.63 0.41
C SER A 12 -11.53 4.58 1.43
N SER A 13 -12.81 4.62 1.83
CA SER A 13 -13.37 3.59 2.70
C SER A 13 -13.51 2.21 2.05
N ILE A 14 -13.94 2.18 0.79
CA ILE A 14 -13.95 0.92 0.05
C ILE A 14 -12.51 0.44 -0.12
N ASN A 15 -11.62 1.38 -0.42
CA ASN A 15 -10.22 1.07 -0.58
C ASN A 15 -9.64 0.49 0.72
N ALA A 16 -10.13 0.98 1.86
CA ALA A 16 -9.65 0.49 3.16
C ALA A 16 -10.10 -0.94 3.43
N ASP A 17 -11.37 -1.25 3.14
CA ASP A 17 -11.84 -2.62 3.29
C ASP A 17 -11.13 -3.58 2.33
N PHE A 18 -10.77 -3.10 1.13
CA PHE A 18 -9.95 -3.91 0.21
C PHE A 18 -8.58 -4.18 0.85
N ALA A 19 -8.00 -3.14 1.45
CA ALA A 19 -6.72 -3.28 2.13
C ALA A 19 -6.76 -4.36 3.20
N PHE A 20 -7.81 -4.37 4.04
CA PHE A 20 -7.93 -5.34 5.11
C PHE A 20 -8.23 -6.75 4.61
N ASN A 21 -9.03 -6.85 3.55
CA ASN A 21 -9.28 -8.15 2.95
C ASN A 21 -8.02 -8.75 2.32
N LEU A 22 -7.24 -7.92 1.64
CA LEU A 22 -5.96 -8.38 1.08
C LEU A 22 -4.96 -8.74 2.19
N TYR A 23 -4.92 -7.91 3.23
CA TYR A 23 -4.12 -8.21 4.42
C TYR A 23 -4.43 -9.61 4.96
N ARG A 24 -5.72 -9.93 5.11
CA ARG A 24 -6.13 -11.23 5.64
C ARG A 24 -5.74 -12.38 4.71
N ARG A 25 -5.74 -12.16 3.40
CA ARG A 25 -5.22 -13.16 2.47
C ARG A 25 -3.73 -13.38 2.69
N PHE A 26 -2.98 -12.30 2.92
CA PHE A 26 -1.56 -12.43 3.22
C PHE A 26 -1.30 -13.19 4.52
N THR A 27 -2.12 -13.01 5.55
CA THR A 27 -1.90 -13.73 6.81
C THR A 27 -2.14 -15.22 6.65
N VAL A 28 -2.97 -15.60 5.69
CA VAL A 28 -3.13 -17.01 5.33
C VAL A 28 -1.92 -17.52 4.52
N GLU A 29 -1.45 -16.71 3.56
CA GLU A 29 -0.29 -17.09 2.72
C GLU A 29 0.99 -17.25 3.53
N THR A 30 1.23 -16.28 4.43
CA THR A 30 2.43 -16.27 5.28
C THR A 30 2.03 -15.98 6.72
N PRO A 31 1.57 -17.00 7.47
CA PRO A 31 1.16 -16.83 8.85
C PRO A 31 2.31 -16.47 9.80
N ASP A 32 2.01 -15.68 10.83
CA ASP A 32 2.98 -15.29 11.87
C ASP A 32 4.29 -14.72 11.32
N LYS A 33 4.16 -13.93 10.28
CA LYS A 33 5.29 -13.31 9.60
C LYS A 33 4.98 -11.84 9.33
N ASN A 34 6.03 -11.03 9.17
CA ASN A 34 5.90 -9.63 8.78
C ASN A 34 5.06 -9.50 7.52
N ILE A 35 4.15 -8.53 7.56
CA ILE A 35 3.40 -8.09 6.39
C ILE A 35 3.63 -6.61 6.21
N PHE A 36 3.86 -6.17 4.97
CA PHE A 36 3.91 -4.74 4.72
C PHE A 36 3.65 -4.42 3.27
N PHE A 37 2.67 -3.57 3.01
CA PHE A 37 2.30 -3.26 1.63
C PHE A 37 1.60 -1.93 1.54
N SER A 38 1.52 -1.40 0.33
CA SER A 38 0.73 -0.20 0.05
C SER A 38 -0.56 -0.59 -0.65
N PRO A 39 -1.69 -0.56 0.09
CA PRO A 39 -2.95 -0.88 -0.56
C PRO A 39 -3.31 0.12 -1.65
N VAL A 40 -3.02 1.41 -1.44
CA VAL A 40 -3.34 2.41 -2.46
C VAL A 40 -2.56 2.16 -3.75
N SER A 41 -1.32 1.71 -3.64
CA SER A 41 -0.53 1.35 -4.81
C SER A 41 -1.20 0.23 -5.61
N ILE A 42 -1.57 -0.83 -4.91
CA ILE A 42 -2.20 -1.99 -5.54
C ILE A 42 -3.53 -1.60 -6.19
N SER A 43 -4.41 -0.91 -5.44
CA SER A 43 -5.69 -0.44 -5.97
C SER A 43 -5.51 0.47 -7.20
N ALA A 44 -4.59 1.43 -7.12
CA ALA A 44 -4.39 2.40 -8.20
C ALA A 44 -3.89 1.75 -9.49
N ALA A 45 -3.04 0.74 -9.38
CA ALA A 45 -2.50 0.05 -10.54
C ALA A 45 -3.62 -0.74 -11.25
N LEU A 46 -4.44 -1.40 -10.46
CA LEU A 46 -5.53 -2.22 -11.02
C LEU A 46 -6.64 -1.35 -11.63
N VAL A 47 -6.95 -0.20 -11.02
CA VAL A 47 -7.90 0.73 -11.63
CA VAL A 47 -7.91 0.70 -11.64
C VAL A 47 -7.36 1.25 -12.96
N MET A 48 -6.06 1.56 -13.03
CA MET A 48 -5.47 2.01 -14.30
C MET A 48 -5.68 0.97 -15.39
N LEU A 49 -5.42 -0.29 -15.07
CA LEU A 49 -5.59 -1.37 -16.03
C LEU A 49 -7.06 -1.45 -16.44
N SER A 50 -7.96 -1.23 -15.49
CA SER A 50 -9.39 -1.30 -15.79
C SER A 50 -9.86 -0.20 -16.75
N PHE A 51 -9.14 0.92 -16.80
CA PHE A 51 -9.49 2.01 -17.71
C PHE A 51 -9.52 1.54 -19.17
N GLY A 52 -8.65 0.60 -19.53
CA GLY A 52 -8.63 0.05 -20.90
C GLY A 52 -9.42 -1.24 -21.10
N ALA A 53 -10.03 -1.73 -20.02
CA ALA A 53 -10.81 -2.96 -20.06
C ALA A 53 -12.25 -2.68 -20.43
N CYS A 54 -12.94 -3.71 -20.91
CA CYS A 54 -14.36 -3.62 -21.21
C CYS A 54 -15.13 -4.80 -20.64
N CYS A 55 -16.44 -4.63 -20.55
CA CYS A 55 -17.37 -5.68 -20.19
C CYS A 55 -16.93 -6.42 -18.91
N SER A 56 -17.00 -7.74 -18.87
CA SER A 56 -16.71 -8.49 -17.65
C SER A 56 -15.25 -8.37 -17.21
N THR A 57 -14.33 -8.17 -18.14
CA THR A 57 -12.93 -7.95 -17.78
C THR A 57 -12.82 -6.73 -16.87
N GLN A 58 -13.51 -5.65 -17.25
CA GLN A 58 -13.50 -4.41 -16.49
C GLN A 58 -14.27 -4.52 -15.18
N THR A 59 -15.46 -5.11 -15.24
CA THR A 59 -16.30 -5.19 -14.04
C THR A 59 -15.68 -6.10 -12.98
N GLU A 60 -15.02 -7.20 -13.40
CA GLU A 60 -14.34 -8.08 -12.45
C GLU A 60 -13.25 -7.34 -11.68
N ILE A 61 -12.51 -6.47 -12.36
CA ILE A 61 -11.44 -5.74 -11.70
C ILE A 61 -12.01 -4.82 -10.62
N VAL A 62 -12.99 -3.99 -10.95
CA VAL A 62 -13.44 -3.02 -9.96
C VAL A 62 -14.25 -3.69 -8.85
N GLU A 63 -14.96 -4.77 -9.17
CA GLU A 63 -15.64 -5.54 -8.12
C GLU A 63 -14.64 -6.20 -7.16
N THR A 64 -13.54 -6.70 -7.71
CA THR A 64 -12.48 -7.29 -6.88
C THR A 64 -11.85 -6.23 -5.96
N LEU A 65 -11.82 -4.98 -6.42
CA LEU A 65 -11.33 -3.85 -5.60
C LEU A 65 -12.32 -3.42 -4.51
N GLY A 66 -13.51 -4.03 -4.51
CA GLY A 66 -14.52 -3.80 -3.49
C GLY A 66 -15.70 -2.93 -3.87
N PHE A 67 -15.74 -2.46 -5.12
CA PHE A 67 -16.83 -1.58 -5.54
C PHE A 67 -18.08 -2.34 -5.97
N ASN A 68 -19.23 -1.69 -5.76
CA ASN A 68 -20.53 -2.17 -6.20
C ASN A 68 -20.98 -1.22 -7.30
N LEU A 69 -21.13 -1.74 -8.51
CA LEU A 69 -21.37 -0.91 -9.68
C LEU A 69 -22.75 -0.24 -9.71
N THR A 70 -23.70 -0.82 -8.97
CA THR A 70 -25.00 -0.19 -8.80
CA THR A 70 -25.01 -0.20 -8.78
C THR A 70 -24.88 1.02 -7.87
N ASP A 71 -24.07 0.89 -6.82
CA ASP A 71 -23.81 1.99 -5.88
C ASP A 71 -22.90 3.06 -6.48
N THR A 72 -21.83 2.63 -7.15
CA THR A 72 -20.85 3.55 -7.73
C THR A 72 -20.57 3.16 -9.17
N PRO A 73 -21.29 3.75 -10.13
CA PRO A 73 -21.10 3.44 -11.54
C PRO A 73 -19.64 3.50 -11.98
N MET A 74 -19.33 2.71 -13.01
CA MET A 74 -17.97 2.62 -13.53
C MET A 74 -17.32 3.99 -13.75
N VAL A 75 -18.03 4.92 -14.38
CA VAL A 75 -17.48 6.25 -14.66
C VAL A 75 -17.18 7.02 -13.38
N GLU A 76 -18.00 6.81 -12.35
CA GLU A 76 -17.75 7.44 -11.04
C GLU A 76 -16.51 6.88 -10.36
N ILE A 77 -16.29 5.56 -10.46
CA ILE A 77 -15.09 4.93 -9.93
C ILE A 77 -13.86 5.50 -10.61
N GLN A 78 -13.92 5.63 -11.94
CA GLN A 78 -12.82 6.18 -12.71
C GLN A 78 -12.50 7.60 -12.30
N HIS A 79 -13.52 8.45 -12.27
CA HIS A 79 -13.34 9.85 -11.87
C HIS A 79 -12.81 9.95 -10.44
N GLY A 80 -13.31 9.09 -9.55
CA GLY A 80 -12.92 9.11 -8.15
C GLY A 80 -11.45 8.81 -7.96
N PHE A 81 -10.97 7.76 -8.62
CA PHE A 81 -9.57 7.37 -8.50
C PHE A 81 -8.67 8.40 -9.13
N GLN A 82 -9.13 9.03 -10.20
CA GLN A 82 -8.38 10.12 -10.79
C GLN A 82 -8.24 11.28 -9.80
N HIS A 83 -9.33 11.61 -9.14
CA HIS A 83 -9.34 12.66 -8.11
C HIS A 83 -8.47 12.28 -6.90
N LEU A 84 -8.51 11.01 -6.51
CA LEU A 84 -7.69 10.53 -5.40
C LEU A 84 -6.19 10.72 -5.65
N ILE A 85 -5.71 10.25 -6.80
CA ILE A 85 -4.29 10.38 -7.13
C ILE A 85 -3.89 11.84 -7.14
N CYS A 86 -4.71 12.68 -7.77
CA CYS A 86 -4.45 14.11 -7.83
C CYS A 86 -4.32 14.72 -6.44
N SER A 87 -5.27 14.41 -5.56
CA SER A 87 -5.26 14.95 -4.20
CA SER A 87 -5.26 14.96 -4.21
C SER A 87 -4.04 14.49 -3.41
N LEU A 88 -3.68 13.22 -3.54
CA LEU A 88 -2.52 12.71 -2.79
C LEU A 88 -1.23 13.41 -3.23
N ASN A 89 -1.11 13.74 -4.51
CA ASN A 89 0.09 14.40 -5.04
C ASN A 89 0.13 15.91 -4.87
N PHE A 90 -0.97 16.51 -4.38
CA PHE A 90 -1.00 17.95 -4.18
C PHE A 90 0.04 18.33 -3.12
N PRO A 91 0.93 19.29 -3.43
CA PRO A 91 2.03 19.59 -2.50
C PRO A 91 1.56 20.05 -1.12
N LYS A 92 2.03 19.35 -0.08
CA LYS A 92 1.75 19.71 1.29
C LYS A 92 3.11 19.94 1.94
N LYS A 93 3.31 21.12 2.49
CA LYS A 93 4.58 21.45 3.14
C LYS A 93 4.88 20.48 4.29
N GLU A 94 6.16 20.13 4.43
CA GLU A 94 6.65 19.17 5.42
C GLU A 94 6.38 17.69 5.10
N LEU A 95 5.59 17.41 4.06
CA LEU A 95 5.25 16.03 3.69
C LEU A 95 5.72 15.72 2.27
N GLU A 96 6.57 14.70 2.13
CA GLU A 96 6.87 14.13 0.82
C GLU A 96 5.90 12.98 0.56
N LEU A 97 5.06 13.13 -0.44
CA LEU A 97 4.17 12.06 -0.85
C LEU A 97 3.93 12.17 -2.34
N GLN A 98 4.37 11.15 -3.08
CA GLN A 98 4.13 11.10 -4.50
C GLN A 98 3.70 9.70 -4.87
N ILE A 99 2.67 9.65 -5.71
CA ILE A 99 2.19 8.39 -6.26
C ILE A 99 2.05 8.61 -7.76
N GLY A 100 2.68 7.75 -8.53
CA GLY A 100 2.69 7.91 -9.98
C GLY A 100 2.67 6.57 -10.69
N ASN A 101 2.50 6.62 -12.01
CA ASN A 101 2.40 5.40 -12.82
C ASN A 101 3.29 5.55 -14.04
N ALA A 102 3.75 4.41 -14.55
CA ALA A 102 4.49 4.38 -15.82
C ALA A 102 3.98 3.20 -16.63
N LEU A 103 3.89 3.41 -17.95
CA LEU A 103 3.47 2.38 -18.87
C LEU A 103 4.62 2.14 -19.83
N PHE A 104 5.10 0.91 -19.86
CA PHE A 104 6.19 0.53 -20.75
C PHE A 104 5.56 -0.30 -21.87
N ILE A 105 5.46 0.31 -23.05
CA ILE A 105 4.69 -0.27 -24.15
C ILE A 105 5.64 -0.81 -25.22
N GLY A 106 5.41 -2.07 -25.59
CA GLY A 106 6.23 -2.73 -26.62
C GLY A 106 6.27 -1.95 -27.92
N LYS A 107 7.39 -2.06 -28.63
CA LYS A 107 7.64 -1.33 -29.88
C LYS A 107 6.56 -1.54 -30.96
N HIS A 108 5.90 -2.70 -30.93
CA HIS A 108 4.95 -3.10 -31.98
C HIS A 108 3.51 -3.07 -31.49
N LEU A 109 3.30 -2.62 -30.25
CA LEU A 109 1.98 -2.48 -29.66
C LEU A 109 1.21 -1.40 -30.42
N LYS A 110 -0.11 -1.53 -30.47
CA LYS A 110 -0.97 -0.56 -31.13
C LYS A 110 -1.90 0.09 -30.11
N PRO A 111 -1.33 0.85 -29.17
CA PRO A 111 -2.17 1.45 -28.13
C PRO A 111 -3.09 2.49 -28.71
N LEU A 112 -4.30 2.58 -28.16
CA LEU A 112 -5.26 3.58 -28.61
C LEU A 112 -4.83 4.96 -28.11
N ALA A 113 -4.88 5.93 -29.02
CA ALA A 113 -4.52 7.31 -28.70
C ALA A 113 -5.31 7.84 -27.50
N LYS A 114 -6.58 7.44 -27.40
CA LYS A 114 -7.42 7.82 -26.26
C LYS A 114 -6.91 7.27 -24.94
N PHE A 115 -6.56 5.99 -24.91
CA PHE A 115 -6.03 5.37 -23.69
C PHE A 115 -4.78 6.12 -23.23
N LEU A 116 -3.87 6.40 -24.17
CA LEU A 116 -2.61 7.07 -23.84
C LEU A 116 -2.83 8.50 -23.35
N ASN A 117 -3.65 9.27 -24.05
CA ASN A 117 -3.92 10.64 -23.63
C ASN A 117 -4.63 10.69 -22.28
N ASP A 118 -5.56 9.75 -22.06
CA ASP A 118 -6.28 9.66 -20.80
C ASP A 118 -5.35 9.44 -19.62
N VAL A 119 -4.55 8.38 -19.68
CA VAL A 119 -3.67 8.04 -18.57
C VAL A 119 -2.62 9.14 -18.32
N LYS A 120 -2.11 9.74 -19.39
CA LYS A 120 -1.14 10.85 -19.27
C LYS A 120 -1.77 12.09 -18.64
N THR A 121 -2.96 12.46 -19.09
CA THR A 121 -3.58 13.71 -18.64
C THR A 121 -4.33 13.55 -17.31
N LEU A 122 -4.94 12.39 -17.11
CA LEU A 122 -5.81 12.15 -15.95
C LEU A 122 -5.21 11.29 -14.83
N TYR A 123 -4.16 10.52 -15.09
CA TYR A 123 -3.72 9.53 -14.10
C TYR A 123 -2.21 9.49 -13.82
N GLU A 124 -1.58 10.67 -13.89
CA GLU A 124 -0.16 10.82 -13.57
C GLU A 124 0.66 9.68 -14.17
N THR A 125 0.57 9.51 -15.50
CA THR A 125 1.27 8.42 -16.19
C THR A 125 2.32 8.92 -17.16
N GLU A 126 3.51 8.33 -17.05
CA GLU A 126 4.56 8.50 -18.04
C GLU A 126 4.56 7.29 -18.95
N VAL A 127 4.61 7.50 -20.26
CA VAL A 127 4.62 6.41 -21.22
C VAL A 127 5.98 6.30 -21.88
N PHE A 128 6.50 5.07 -21.96
CA PHE A 128 7.80 4.78 -22.54
C PHE A 128 7.68 3.70 -23.59
N SER A 129 8.23 3.97 -24.79
CA SER A 129 8.36 2.96 -25.83
C SER A 129 9.52 2.04 -25.46
N THR A 130 9.24 0.74 -25.34
CA THR A 130 10.19 -0.21 -24.76
C THR A 130 10.41 -1.39 -25.68
N ASP A 131 11.69 -1.72 -25.91
CA ASP A 131 12.03 -2.85 -26.75
C ASP A 131 12.14 -4.11 -25.90
N PHE A 132 11.07 -4.89 -25.85
CA PHE A 132 11.05 -6.12 -25.05
C PHE A 132 11.80 -7.29 -25.70
N SER A 133 12.22 -7.13 -26.95
CA SER A 133 13.08 -8.14 -27.59
C SER A 133 14.42 -8.30 -26.86
N ASN A 134 14.86 -7.24 -26.19
CA ASN A 134 15.96 -7.33 -25.24
C ASN A 134 15.41 -7.28 -23.82
N ILE A 135 14.96 -8.44 -23.37
CA ILE A 135 14.18 -8.57 -22.15
C ILE A 135 14.97 -8.20 -20.89
N SER A 136 16.26 -8.52 -20.88
CA SER A 136 17.15 -8.18 -19.77
C SER A 136 17.27 -6.66 -19.60
N ALA A 137 17.46 -5.96 -20.73
CA ALA A 137 17.62 -4.51 -20.71
C ALA A 137 16.30 -3.82 -20.34
N ALA A 138 15.19 -4.39 -20.82
CA ALA A 138 13.86 -3.86 -20.49
C ALA A 138 13.60 -3.96 -19.00
N LYS A 139 13.92 -5.11 -18.42
CA LYS A 139 13.70 -5.33 -16.98
C LYS A 139 14.51 -4.34 -16.15
N GLN A 140 15.75 -4.10 -16.57
CA GLN A 140 16.62 -3.14 -15.89
C GLN A 140 16.12 -1.70 -16.00
N GLU A 141 15.63 -1.31 -17.17
CA GLU A 141 15.08 0.02 -17.38
C GLU A 141 13.91 0.27 -16.43
N ILE A 142 13.02 -0.72 -16.33
CA ILE A 142 11.81 -0.59 -15.52
C ILE A 142 12.18 -0.56 -14.04
N ASN A 143 13.01 -1.51 -13.61
CA ASN A 143 13.49 -1.52 -12.23
C ASN A 143 14.18 -0.22 -11.82
N SER A 144 15.02 0.31 -12.71
CA SER A 144 15.75 1.55 -12.42
C SER A 144 14.81 2.75 -12.32
N HIS A 145 13.76 2.76 -13.15
CA HIS A 145 12.78 3.82 -13.12
C HIS A 145 12.04 3.82 -11.79
N VAL A 146 11.60 2.63 -11.37
CA VAL A 146 10.90 2.49 -10.10
C VAL A 146 11.81 2.91 -8.95
N GLU A 147 13.08 2.50 -9.02
CA GLU A 147 14.07 2.86 -8.01
C GLU A 147 14.22 4.37 -7.91
N MET A 148 14.32 5.05 -9.05
CA MET A 148 14.43 6.50 -9.08
CA MET A 148 14.44 6.50 -9.05
C MET A 148 13.21 7.18 -8.46
N GLN A 149 12.03 6.74 -8.89
CA GLN A 149 10.79 7.39 -8.47
C GLN A 149 10.47 7.14 -6.99
N THR A 150 11.07 6.10 -6.39
CA THR A 150 10.91 5.84 -4.96
C THR A 150 12.11 6.36 -4.13
N LYS A 151 12.87 7.30 -4.69
CA LYS A 151 14.03 7.88 -4.00
C LYS A 151 15.04 6.81 -3.55
N GLY A 152 15.22 5.79 -4.40
CA GLY A 152 16.16 4.72 -4.16
C GLY A 152 15.67 3.60 -3.24
N LYS A 153 14.42 3.67 -2.79
CA LYS A 153 13.98 2.76 -1.73
C LYS A 153 13.42 1.42 -2.19
N VAL A 154 12.86 1.37 -3.40
CA VAL A 154 12.37 0.11 -3.95
C VAL A 154 13.30 -0.34 -5.08
N VAL A 155 14.15 -1.29 -4.75
CA VAL A 155 15.18 -1.79 -5.66
C VAL A 155 14.77 -3.18 -6.13
N GLY A 156 14.97 -3.45 -7.43
CA GLY A 156 14.68 -4.76 -8.00
C GLY A 156 13.25 -5.23 -7.90
N LEU A 157 12.28 -4.35 -8.16
CA LEU A 157 10.87 -4.72 -8.15
C LEU A 157 10.58 -5.98 -8.95
N ILE A 158 11.09 -6.03 -10.18
CA ILE A 158 10.85 -7.14 -11.08
C ILE A 158 12.03 -8.10 -11.04
N GLN A 159 11.78 -9.33 -10.58
CA GLN A 159 12.82 -10.35 -10.50
C GLN A 159 12.94 -11.11 -11.81
N ASP A 160 11.80 -11.49 -12.38
CA ASP A 160 11.78 -12.12 -13.70
C ASP A 160 10.72 -11.48 -14.58
N LEU A 161 11.08 -11.30 -15.84
CA LEU A 161 10.19 -10.72 -16.82
C LEU A 161 10.03 -11.78 -17.92
N LYS A 162 8.78 -12.11 -18.26
CA LYS A 162 8.52 -13.12 -19.28
C LYS A 162 9.12 -12.68 -20.62
N PRO A 163 9.70 -13.64 -21.39
CA PRO A 163 10.36 -13.23 -22.62
C PRO A 163 9.39 -12.66 -23.66
N ASN A 164 8.13 -13.11 -23.60
CA ASN A 164 7.10 -12.63 -24.53
C ASN A 164 6.29 -11.44 -24.01
N THR A 165 6.78 -10.79 -22.96
CA THR A 165 6.16 -9.56 -22.45
C THR A 165 6.06 -8.50 -23.54
N ILE A 166 4.90 -7.86 -23.63
CA ILE A 166 4.70 -6.75 -24.58
C ILE A 166 4.21 -5.44 -23.92
N MET A 167 3.90 -5.48 -22.63
CA MET A 167 3.53 -4.27 -21.91
C MET A 167 3.74 -4.49 -20.42
N VAL A 168 4.22 -3.46 -19.74
CA VAL A 168 4.32 -3.48 -18.28
C VAL A 168 3.72 -2.19 -17.75
N LEU A 169 2.84 -2.31 -16.77
CA LEU A 169 2.28 -1.16 -16.08
C LEU A 169 2.87 -1.17 -14.67
N VAL A 170 3.45 -0.05 -14.24
CA VAL A 170 3.94 0.07 -12.86
C VAL A 170 3.33 1.29 -12.16
N ASN A 171 3.03 1.13 -10.87
CA ASN A 171 2.63 2.23 -9.98
C ASN A 171 3.70 2.28 -8.91
N TYR A 172 4.00 3.49 -8.43
CA TYR A 172 4.95 3.69 -7.35
CA TYR A 172 4.93 3.66 -7.33
C TYR A 172 4.39 4.68 -6.36
N ILE A 173 4.74 4.49 -5.09
CA ILE A 173 4.42 5.45 -4.03
C ILE A 173 5.67 5.67 -3.17
N HIS A 174 5.94 6.94 -2.86
CA HIS A 174 7.00 7.30 -1.92
C HIS A 174 6.43 8.26 -0.88
N PHE A 175 6.79 8.03 0.39
CA PHE A 175 6.27 8.78 1.52
C PHE A 175 7.41 9.05 2.50
N LYS A 176 7.61 10.31 2.85
CA LYS A 176 8.57 10.64 3.89
C LYS A 176 8.00 11.78 4.70
N ALA A 177 7.94 11.57 6.00
CA ALA A 177 7.30 12.51 6.90
C ALA A 177 8.02 12.54 8.22
N GLN A 178 7.88 13.67 8.92
CA GLN A 178 8.48 13.86 10.24
C GLN A 178 7.41 13.75 11.32
N TRP A 179 7.76 13.12 12.44
CA TRP A 179 6.81 13.08 13.57
C TRP A 179 6.48 14.49 14.02
N ALA A 180 5.22 14.75 14.37
CA ALA A 180 4.87 16.00 15.03
C ALA A 180 5.73 16.20 16.28
N ASN A 181 5.96 15.12 17.01
CA ASN A 181 6.82 15.10 18.18
C ASN A 181 7.94 14.06 17.98
N PRO A 182 9.07 14.51 17.38
CA PRO A 182 10.18 13.57 17.17
C PRO A 182 10.74 13.02 18.47
N PHE A 183 11.37 11.86 18.38
CA PHE A 183 12.06 11.27 19.52
C PHE A 183 13.45 11.86 19.65
N ASP A 184 13.89 11.98 20.91
CA ASP A 184 15.27 12.40 21.19
C ASP A 184 16.17 11.16 21.15
N PRO A 185 17.14 11.11 20.21
CA PRO A 185 17.99 9.93 20.12
C PRO A 185 18.80 9.67 21.40
N SER A 186 19.01 10.71 22.21
CA SER A 186 19.65 10.52 23.53
C SER A 186 18.83 9.68 24.52
N LYS A 187 17.53 9.50 24.26
CA LYS A 187 16.65 8.67 25.09
C LYS A 187 16.38 7.31 24.47
N THR A 188 16.96 7.04 23.30
CA THR A 188 16.79 5.73 22.67
C THR A 188 17.71 4.71 23.33
N GLU A 189 17.13 3.58 23.74
CA GLU A 189 17.90 2.48 24.32
C GLU A 189 18.52 1.70 23.18
N ASP A 190 19.83 1.49 23.22
CA ASP A 190 20.59 0.85 22.15
C ASP A 190 20.06 -0.54 21.83
N SER A 191 19.75 -1.29 22.90
CA SER A 191 19.39 -2.69 22.76
C SER A 191 18.29 -3.05 23.76
N SER A 192 17.08 -3.25 23.24
CA SER A 192 15.93 -3.61 24.04
CA SER A 192 15.94 -3.63 24.06
C SER A 192 15.23 -4.82 23.43
N SER A 193 14.57 -5.60 24.27
CA SER A 193 13.93 -6.86 23.86
CA SER A 193 13.94 -6.85 23.84
C SER A 193 12.59 -6.62 23.16
N PHE A 194 12.39 -7.32 22.04
CA PHE A 194 11.13 -7.32 21.30
C PHE A 194 10.76 -8.78 21.12
N LEU A 195 9.56 -9.14 21.58
CA LEU A 195 9.10 -10.52 21.54
C LEU A 195 8.61 -10.87 20.15
N ILE A 196 9.25 -11.85 19.51
CA ILE A 196 8.86 -12.28 18.15
C ILE A 196 8.05 -13.56 18.14
N ASP A 197 8.17 -14.33 19.22
CA ASP A 197 7.28 -15.45 19.52
C ASP A 197 7.32 -15.72 21.03
N LYS A 198 6.57 -16.70 21.52
CA LYS A 198 6.40 -16.92 22.96
C LYS A 198 7.71 -17.02 23.75
N THR A 199 8.73 -17.64 23.17
CA THR A 199 9.98 -17.93 23.89
C THR A 199 11.19 -17.21 23.32
N THR A 200 10.98 -16.29 22.39
CA THR A 200 12.08 -15.70 21.65
C THR A 200 11.95 -14.20 21.53
N THR A 201 13.03 -13.52 21.86
CA THR A 201 13.16 -12.10 21.66
C THR A 201 14.27 -11.80 20.66
N VAL A 202 14.18 -10.62 20.05
CA VAL A 202 15.26 -10.01 19.31
C VAL A 202 15.58 -8.67 19.96
N GLN A 203 16.77 -8.15 19.71
CA GLN A 203 17.17 -6.85 20.23
C GLN A 203 16.97 -5.77 19.17
N VAL A 204 16.32 -4.68 19.58
CA VAL A 204 16.10 -3.52 18.73
C VAL A 204 16.37 -2.24 19.50
N PRO A 205 16.74 -1.15 18.81
CA PRO A 205 16.78 0.11 19.52
C PRO A 205 15.34 0.48 19.86
N MET A 206 15.13 0.95 21.09
CA MET A 206 13.79 1.32 21.55
C MET A 206 13.75 2.81 21.86
N MET A 207 12.99 3.55 21.06
CA MET A 207 12.85 4.98 21.23
C MET A 207 11.85 5.20 22.36
N HIS A 208 11.96 6.34 23.03
CA HIS A 208 11.18 6.58 24.24
C HIS A 208 10.86 8.07 24.38
N GLN A 209 9.58 8.39 24.51
CA GLN A 209 9.20 9.73 24.88
C GLN A 209 7.91 9.71 25.67
N MET A 210 7.65 10.82 26.34
CA MET A 210 6.48 10.99 27.18
C MET A 210 5.77 12.21 26.63
N GLU A 211 4.68 12.01 25.90
CA GLU A 211 3.98 13.10 25.22
CA GLU A 211 3.98 13.13 25.27
C GLU A 211 2.49 12.82 25.24
N GLN A 212 1.69 13.81 24.87
CA GLN A 212 0.25 13.61 24.71
C GLN A 212 -0.02 13.06 23.33
N TYR A 213 -0.72 11.93 23.28
CA TYR A 213 -1.12 11.29 22.04
C TYR A 213 -2.59 10.88 22.15
N TYR A 214 -3.27 10.88 21.01
CA TYR A 214 -4.58 10.24 20.92
C TYR A 214 -4.37 8.73 21.06
N HIS A 215 -5.14 8.11 21.97
CA HIS A 215 -5.03 6.65 22.19
C HIS A 215 -6.32 6.15 22.80
N LEU A 216 -6.44 4.82 22.78
CA LEU A 216 -7.59 4.14 23.39
C LEU A 216 -7.23 2.72 23.69
N VAL A 217 -8.05 2.10 24.55
CA VAL A 217 -8.07 0.66 24.70
C VAL A 217 -9.43 0.23 24.21
N ASP A 218 -9.48 -0.61 23.19
CA ASP A 218 -10.73 -1.13 22.65
C ASP A 218 -11.16 -2.27 23.55
N MET A 219 -12.29 -2.07 24.21
CA MET A 219 -12.79 -2.99 25.24
CA MET A 219 -12.77 -2.98 25.25
C MET A 219 -13.38 -4.25 24.64
N GLU A 220 -13.86 -4.16 23.41
CA GLU A 220 -14.44 -5.30 22.70
C GLU A 220 -13.34 -6.15 22.07
N LEU A 221 -12.38 -5.49 21.42
CA LEU A 221 -11.34 -6.20 20.66
C LEU A 221 -10.06 -6.49 21.44
N ASN A 222 -9.97 -5.96 22.66
CA ASN A 222 -8.83 -6.18 23.55
C ASN A 222 -7.53 -5.80 22.87
N CYS A 223 -7.45 -4.54 22.46
CA CYS A 223 -6.24 -4.02 21.88
C CYS A 223 -6.08 -2.56 22.23
N THR A 224 -4.82 -2.14 22.32
CA THR A 224 -4.46 -0.75 22.51
C THR A 224 -4.23 -0.14 21.12
N VAL A 225 -4.76 1.06 20.92
CA VAL A 225 -4.59 1.79 19.68
C VAL A 225 -3.95 3.13 20.00
N LEU A 226 -2.84 3.43 19.32
CA LEU A 226 -2.10 4.66 19.50
C LEU A 226 -1.95 5.38 18.18
N GLN A 227 -2.26 6.67 18.16
CA GLN A 227 -2.10 7.51 16.98
C GLN A 227 -0.87 8.38 17.17
N MET A 228 0.04 8.34 16.23
CA MET A 228 1.19 9.26 16.24
C MET A 228 1.11 10.12 15.00
N ASP A 229 0.92 11.42 15.18
CA ASP A 229 0.80 12.34 14.04
C ASP A 229 2.16 12.62 13.40
N TYR A 230 2.13 12.76 12.08
CA TYR A 230 3.23 13.38 11.37
C TYR A 230 2.97 14.89 11.38
N SER A 231 3.92 15.68 10.93
CA SER A 231 3.81 17.11 11.16
C SER A 231 2.76 17.77 10.27
N LYS A 232 2.37 17.11 9.18
CA LYS A 232 1.24 17.59 8.39
C LYS A 232 0.56 16.52 7.52
N ASN A 233 -0.77 16.49 7.62
CA ASN A 233 -1.65 15.73 6.71
CA ASN A 233 -1.63 15.73 6.69
C ASN A 233 -1.48 14.22 6.73
N ALA A 234 -0.83 13.67 7.75
CA ALA A 234 -0.67 12.22 7.81
C ALA A 234 -0.48 11.75 9.25
N LEU A 235 -0.79 10.49 9.51
CA LEU A 235 -0.62 9.91 10.84
C LEU A 235 -0.30 8.44 10.73
N ALA A 236 0.29 7.90 11.80
CA ALA A 236 0.49 6.47 11.96
C ALA A 236 -0.44 5.96 13.06
N LEU A 237 -1.05 4.81 12.82
CA LEU A 237 -1.82 4.12 13.86
CA LEU A 237 -1.84 4.13 13.83
C LEU A 237 -1.12 2.83 14.19
N PHE A 238 -0.81 2.65 15.48
CA PHE A 238 -0.22 1.43 15.99
C PHE A 238 -1.32 0.67 16.71
N VAL A 239 -1.43 -0.60 16.41
CA VAL A 239 -2.45 -1.44 17.02
C VAL A 239 -1.72 -2.59 17.74
N LEU A 240 -1.86 -2.65 19.06
CA LEU A 240 -1.15 -3.57 19.91
C LEU A 240 -2.16 -4.48 20.61
N PRO A 241 -2.42 -5.65 20.03
CA PRO A 241 -3.36 -6.55 20.70
C PRO A 241 -2.82 -7.07 22.02
N LYS A 242 -3.74 -7.37 22.93
CA LYS A 242 -3.37 -8.06 24.16
C LYS A 242 -2.80 -9.43 23.79
N GLU A 243 -2.03 -10.00 24.70
CA GLU A 243 -1.50 -11.35 24.52
C GLU A 243 -2.55 -12.32 24.02
N GLY A 244 -2.25 -12.96 22.89
CA GLY A 244 -3.11 -14.00 22.32
C GLY A 244 -4.25 -13.50 21.45
N GLN A 245 -4.35 -12.18 21.28
CA GLN A 245 -5.50 -11.58 20.60
C GLN A 245 -5.23 -11.10 19.17
N MET A 246 -4.04 -11.33 18.64
CA MET A 246 -3.70 -10.78 17.31
C MET A 246 -4.67 -11.29 16.25
N GLU A 247 -4.93 -12.60 16.22
CA GLU A 247 -5.81 -13.15 15.21
C GLU A 247 -7.21 -12.55 15.24
N SER A 248 -7.75 -12.37 16.44
CA SER A 248 -9.09 -11.80 16.56
C SER A 248 -9.10 -10.33 16.15
N VAL A 249 -8.02 -9.61 16.44
CA VAL A 249 -7.95 -8.22 16.00
C VAL A 249 -7.87 -8.17 14.46
N GLU A 250 -7.02 -9.00 13.87
CA GLU A 250 -6.94 -9.08 12.41
C GLU A 250 -8.28 -9.38 11.74
N ALA A 251 -9.05 -10.26 12.35
CA ALA A 251 -10.36 -10.59 11.83
C ALA A 251 -11.31 -9.39 11.85
N ALA A 252 -11.14 -8.53 12.84
CA ALA A 252 -12.02 -7.39 13.07
C ALA A 252 -11.65 -6.11 12.33
N MET A 253 -10.49 -6.08 11.70
CA MET A 253 -10.07 -4.86 11.03
C MET A 253 -10.93 -4.57 9.81
N SER A 254 -11.43 -3.35 9.77
CA SER A 254 -12.37 -2.93 8.74
C SER A 254 -12.49 -1.42 8.77
N SER A 255 -13.13 -0.84 7.75
CA SER A 255 -13.42 0.58 7.76
CA SER A 255 -13.44 0.58 7.75
C SER A 255 -14.36 0.92 8.92
N LYS A 256 -15.29 0.02 9.22
CA LYS A 256 -16.18 0.20 10.37
C LYS A 256 -15.37 0.34 11.67
N THR A 257 -14.36 -0.50 11.84
CA THR A 257 -13.54 -0.45 13.05
C THR A 257 -12.76 0.87 13.10
N LEU A 258 -12.20 1.30 11.98
CA LEU A 258 -11.48 2.56 11.95
C LEU A 258 -12.39 3.75 12.30
N LYS A 259 -13.63 3.72 11.83
CA LYS A 259 -14.58 4.79 12.11
C LYS A 259 -14.88 4.81 13.63
N LYS A 260 -15.00 3.63 14.23
CA LYS A 260 -15.25 3.52 15.66
C LYS A 260 -14.10 4.10 16.46
N TRP A 261 -12.87 3.73 16.09
CA TRP A 261 -11.69 4.25 16.77
C TRP A 261 -11.56 5.76 16.61
N ASN A 262 -11.90 6.30 15.43
CA ASN A 262 -11.78 7.75 15.20
C ASN A 262 -12.61 8.54 16.20
N ARG A 263 -13.79 8.01 16.55
CA ARG A 263 -14.65 8.62 17.57
C ARG A 263 -14.07 8.49 18.97
N LEU A 264 -13.51 7.33 19.29
CA LEU A 264 -13.14 7.00 20.66
C LEU A 264 -11.76 7.49 21.06
N LEU A 265 -10.88 7.76 20.10
CA LEU A 265 -9.52 8.23 20.43
C LEU A 265 -9.55 9.51 21.27
N GLN A 266 -8.78 9.51 22.36
CA GLN A 266 -8.70 10.68 23.22
C GLN A 266 -7.24 11.00 23.49
N LYS A 267 -6.92 12.29 23.46
CA LYS A 267 -5.54 12.73 23.66
C LYS A 267 -5.21 12.84 25.14
N GLY A 268 -4.13 12.21 25.56
CA GLY A 268 -3.63 12.32 26.92
C GLY A 268 -2.17 11.86 27.00
N TRP A 269 -1.56 12.04 28.15
CA TRP A 269 -0.17 11.65 28.35
C TRP A 269 0.04 10.16 28.21
N VAL A 270 1.08 9.78 27.47
CA VAL A 270 1.50 8.39 27.35
C VAL A 270 3.02 8.33 27.53
N ASP A 271 3.49 7.37 28.30
CA ASP A 271 4.90 7.02 28.39
C ASP A 271 5.11 5.95 27.30
N LEU A 272 5.72 6.38 26.20
CA LEU A 272 5.70 5.63 24.95
C LEU A 272 7.05 5.08 24.56
N PHE A 273 7.09 3.80 24.22
CA PHE A 273 8.27 3.13 23.72
C PHE A 273 7.95 2.53 22.35
N VAL A 274 8.72 2.93 21.34
CA VAL A 274 8.51 2.52 19.94
C VAL A 274 9.84 2.05 19.37
N PRO A 275 9.88 0.90 18.67
CA PRO A 275 11.13 0.43 18.12
C PRO A 275 11.57 1.22 16.90
N LYS A 276 12.89 1.32 16.72
CA LYS A 276 13.51 1.87 15.54
C LYS A 276 13.90 0.70 14.68
N PHE A 277 13.44 0.66 13.43
CA PHE A 277 13.59 -0.52 12.61
C PHE A 277 13.24 -0.28 11.16
N SER A 278 13.63 -1.24 10.32
CA SER A 278 13.26 -1.26 8.91
C SER A 278 12.78 -2.65 8.56
N ILE A 279 11.81 -2.74 7.65
CA ILE A 279 11.47 -4.03 7.07
C ILE A 279 11.12 -3.84 5.61
N SER A 280 11.05 -4.98 4.92
CA SER A 280 10.70 -5.01 3.51
CA SER A 280 10.79 -5.05 3.49
C SER A 280 9.88 -6.26 3.27
N ALA A 281 9.00 -6.18 2.27
CA ALA A 281 8.17 -7.33 1.92
C ALA A 281 7.89 -7.34 0.43
N THR A 282 7.78 -8.55 -0.12
CA THR A 282 7.43 -8.76 -1.51
C THR A 282 6.25 -9.72 -1.62
N TYR A 283 5.45 -9.54 -2.67
CA TYR A 283 4.25 -10.35 -2.90
C TYR A 283 4.14 -10.66 -4.38
N ASP A 284 4.05 -11.95 -4.69
CA ASP A 284 3.67 -12.40 -6.02
C ASP A 284 2.15 -12.46 -5.99
N LEU A 285 1.52 -11.56 -6.74
CA LEU A 285 0.06 -11.37 -6.65
C LEU A 285 -0.75 -12.02 -7.77
N GLY A 286 -0.09 -12.64 -8.74
CA GLY A 286 -0.81 -13.20 -9.90
C GLY A 286 -1.96 -14.11 -9.50
N ALA A 287 -1.64 -15.15 -8.73
CA ALA A 287 -2.64 -16.13 -8.33
C ALA A 287 -3.62 -15.58 -7.30
N THR A 288 -3.16 -14.66 -6.46
CA THR A 288 -4.02 -14.07 -5.43
C THR A 288 -5.15 -13.25 -6.06
N LEU A 289 -4.80 -12.39 -7.02
CA LEU A 289 -5.78 -11.58 -7.72
C LEU A 289 -6.76 -12.45 -8.49
N LEU A 290 -6.26 -13.56 -9.05
CA LEU A 290 -7.12 -14.54 -9.70
C LEU A 290 -8.14 -15.11 -8.71
N LYS A 291 -7.68 -15.57 -7.54
CA LYS A 291 -8.58 -16.10 -6.51
C LYS A 291 -9.59 -15.06 -6.05
N MET A 292 -9.17 -13.80 -6.03
CA MET A 292 -10.02 -12.73 -5.52
C MET A 292 -11.10 -12.30 -6.50
N GLY A 293 -11.02 -12.74 -7.76
CA GLY A 293 -12.06 -12.48 -8.75
C GLY A 293 -11.64 -11.93 -10.09
N ILE A 294 -10.36 -11.60 -10.27
CA ILE A 294 -9.87 -11.12 -11.57
C ILE A 294 -9.50 -12.33 -12.43
N GLN A 295 -10.43 -12.70 -13.32
CA GLN A 295 -10.33 -13.94 -14.08
C GLN A 295 -10.14 -13.68 -15.57
N HIS A 296 -11.05 -12.93 -16.17
CA HIS A 296 -11.01 -12.71 -17.61
C HIS A 296 -9.77 -11.97 -18.09
N ALA A 297 -9.21 -11.09 -17.25
CA ALA A 297 -7.99 -10.36 -17.60
C ALA A 297 -6.82 -11.30 -17.95
N TYR A 298 -6.81 -12.48 -17.35
CA TYR A 298 -5.75 -13.49 -17.59
C TYR A 298 -6.06 -14.40 -18.77
N SER A 299 -7.30 -14.38 -19.27
CA SER A 299 -7.76 -15.39 -20.22
C SER A 299 -7.48 -15.02 -21.67
N GLU A 300 -7.57 -16.03 -22.54
CA GLU A 300 -7.47 -15.81 -23.98
C GLU A 300 -8.62 -14.95 -24.53
N ASN A 301 -9.71 -14.83 -23.77
CA ASN A 301 -10.80 -13.90 -24.12
C ASN A 301 -10.81 -12.61 -23.30
N ALA A 302 -9.64 -12.22 -22.78
CA ALA A 302 -9.50 -10.94 -22.09
C ALA A 302 -10.01 -9.82 -22.97
N ASP A 303 -10.76 -8.88 -22.39
CA ASP A 303 -11.30 -7.76 -23.14
C ASP A 303 -10.64 -6.48 -22.68
N PHE A 304 -9.54 -6.13 -23.35
CA PHE A 304 -8.90 -4.83 -23.17
C PHE A 304 -9.02 -4.03 -24.46
N SER A 305 -10.25 -4.00 -25.00
N SER A 305 -10.23 -4.00 -25.02
CA SER A 305 -10.55 -3.32 -26.26
CA SER A 305 -10.45 -3.32 -26.30
C SER A 305 -10.39 -1.80 -26.17
C SER A 305 -10.47 -1.79 -26.18
N GLY A 306 -10.37 -1.28 -24.94
CA GLY A 306 -10.14 0.15 -24.71
C GLY A 306 -8.67 0.53 -24.63
N LEU A 307 -7.78 -0.45 -24.75
CA LEU A 307 -6.33 -0.24 -24.53
C LEU A 307 -5.57 -0.26 -25.86
N THR A 308 -5.81 -1.29 -26.69
CA THR A 308 -5.13 -1.41 -27.99
C THR A 308 -6.14 -1.61 -29.11
N GLU A 309 -5.73 -1.26 -30.33
CA GLU A 309 -6.55 -1.39 -31.54
C GLU A 309 -7.09 -2.80 -31.74
N ASP A 310 -6.20 -3.78 -31.54
CA ASP A 310 -6.46 -5.17 -31.88
C ASP A 310 -6.82 -6.04 -30.69
N ASN A 311 -6.98 -5.44 -29.51
CA ASN A 311 -7.24 -6.19 -28.29
C ASN A 311 -6.19 -7.31 -28.16
N GLY A 312 -4.93 -6.92 -28.27
CA GLY A 312 -3.84 -7.86 -28.49
C GLY A 312 -3.09 -8.37 -27.27
N LEU A 313 -3.57 -8.06 -26.07
CA LEU A 313 -2.86 -8.44 -24.85
C LEU A 313 -3.74 -9.06 -23.75
N LYS A 314 -3.08 -9.75 -22.83
CA LYS A 314 -3.72 -10.25 -21.62
C LYS A 314 -2.73 -10.15 -20.46
N LEU A 315 -3.29 -10.11 -19.25
CA LEU A 315 -2.49 -10.07 -18.04
C LEU A 315 -1.82 -11.43 -17.84
N SER A 316 -0.55 -11.41 -17.44
CA SER A 316 0.21 -12.64 -17.17
C SER A 316 0.74 -12.77 -15.74
N ASN A 317 1.12 -11.65 -15.11
CA ASN A 317 1.76 -11.66 -13.80
C ASN A 317 1.59 -10.33 -13.11
N ALA A 318 1.73 -10.36 -11.79
CA ALA A 318 1.57 -9.16 -10.95
C ALA A 318 2.40 -9.33 -9.68
N ALA A 319 3.04 -8.26 -9.24
CA ALA A 319 3.87 -8.31 -8.04
C ALA A 319 3.93 -6.96 -7.36
N HIS A 320 4.19 -6.98 -6.06
CA HIS A 320 4.26 -5.77 -5.23
C HIS A 320 5.48 -5.88 -4.31
N LYS A 321 6.14 -4.76 -4.10
CA LYS A 321 7.21 -4.67 -3.10
C LYS A 321 7.02 -3.39 -2.32
N ALA A 322 7.26 -3.46 -1.00
CA ALA A 322 7.09 -2.29 -0.14
C ALA A 322 8.12 -2.33 0.97
N VAL A 323 8.58 -1.13 1.36
CA VAL A 323 9.63 -0.99 2.37
C VAL A 323 9.24 0.10 3.38
N LEU A 324 9.73 -0.07 4.61
CA LEU A 324 9.41 0.80 5.74
C LEU A 324 10.63 1.04 6.60
N HIS A 325 10.82 2.30 7.00
CA HIS A 325 11.77 2.64 8.05
C HIS A 325 11.11 3.59 9.04
N ILE A 326 11.23 3.27 10.33
CA ILE A 326 10.75 4.13 11.40
C ILE A 326 11.92 4.41 12.32
N GLY A 327 12.14 5.70 12.59
CA GLY A 327 13.23 6.14 13.45
C GLY A 327 12.83 7.37 14.23
N GLU A 328 13.81 8.04 14.82
CA GLU A 328 13.50 9.13 15.73
C GLU A 328 12.88 10.33 15.04
N LYS A 329 13.28 10.58 13.79
CA LYS A 329 12.82 11.77 13.08
C LYS A 329 11.41 11.61 12.49
N GLY A 330 11.07 10.41 12.08
CA GLY A 330 9.80 10.18 11.41
C GLY A 330 9.74 8.81 10.75
N THR A 331 9.22 8.78 9.54
CA THR A 331 8.98 7.54 8.82
C THR A 331 9.25 7.77 7.35
N GLU A 332 9.85 6.78 6.70
CA GLU A 332 9.98 6.76 5.23
C GLU A 332 9.49 5.40 4.75
N ALA A 333 8.57 5.41 3.80
CA ALA A 333 8.01 4.17 3.26
C ALA A 333 7.85 4.33 1.76
N ALA A 334 7.95 3.23 1.04
CA ALA A 334 7.72 3.24 -0.39
C ALA A 334 7.18 1.92 -0.86
N GLY A 335 6.53 1.92 -2.00
CA GLY A 335 6.00 0.70 -2.59
C GLY A 335 5.87 0.84 -4.10
N ALA A 336 5.77 -0.29 -4.75
CA ALA A 336 5.56 -0.31 -6.18
C ALA A 336 4.82 -1.59 -6.59
N MET A 337 3.97 -1.45 -7.60
CA MET A 337 3.16 -2.54 -8.13
C MET A 337 3.54 -2.74 -9.60
N PHE A 338 3.60 -4.00 -10.01
CA PHE A 338 4.00 -4.40 -11.38
C PHE A 338 2.88 -5.27 -11.95
N LEU A 339 2.43 -4.94 -13.17
CA LEU A 339 1.49 -5.75 -13.92
C LEU A 339 2.12 -6.03 -15.29
N GLU A 340 2.19 -7.31 -15.67
CA GLU A 340 2.85 -7.76 -16.89
C GLU A 340 1.78 -8.25 -17.86
N ALA A 341 1.95 -7.91 -19.14
CA ALA A 341 1.04 -8.38 -20.18
C ALA A 341 1.80 -9.04 -21.33
N ILE A 342 1.17 -10.06 -21.90
CA ILE A 342 1.72 -10.86 -23.00
C ILE A 342 0.66 -10.92 -24.11
N PRO A 343 1.02 -11.42 -25.30
CA PRO A 343 0.01 -11.49 -26.36
C PRO A 343 -1.19 -12.35 -25.95
N ARG A 344 -2.38 -11.93 -26.34
CA ARG A 344 -3.61 -12.61 -25.93
C ARG A 344 -3.69 -13.99 -26.58
N SER A 345 -3.34 -14.16 -27.74
N HIS B 2 1.02 8.28 34.39
CA HIS B 2 0.56 8.19 32.98
C HIS B 2 0.66 6.75 32.48
N PRO B 3 -0.27 6.34 31.61
CA PRO B 3 -0.21 4.98 31.06
C PRO B 3 1.04 4.75 30.22
N ILE B 4 1.58 3.56 30.32
CA ILE B 4 2.72 3.12 29.53
C ILE B 4 2.22 2.32 28.34
N ILE B 5 2.71 2.68 27.16
CA ILE B 5 2.47 1.88 25.96
C ILE B 5 3.84 1.48 25.43
N GLN B 6 4.14 0.17 25.49
CA GLN B 6 5.42 -0.36 25.09
C GLN B 6 5.21 -1.24 23.88
N ILE B 7 5.67 -0.78 22.72
CA ILE B 7 5.49 -1.54 21.49
C ILE B 7 6.69 -2.50 21.41
N ASP B 8 6.59 -3.60 22.16
CA ASP B 8 7.69 -4.54 22.32
C ASP B 8 7.29 -5.97 22.00
N ARG B 9 6.24 -6.10 21.18
CA ARG B 9 5.78 -7.38 20.66
C ARG B 9 4.94 -7.09 19.43
N SER B 10 4.46 -8.13 18.77
CA SER B 10 3.79 -7.99 17.48
C SER B 10 2.69 -6.94 17.47
N PHE B 11 2.66 -6.11 16.44
CA PHE B 11 1.70 -5.04 16.32
C PHE B 11 1.33 -4.84 14.85
N MET B 12 0.18 -4.24 14.62
CA MET B 12 -0.21 -3.79 13.28
C MET B 12 0.06 -2.30 13.18
N LEU B 13 0.32 -1.87 11.95
CA LEU B 13 0.64 -0.49 11.65
C LEU B 13 -0.14 -0.04 10.43
N LEU B 14 -0.75 1.14 10.52
CA LEU B 14 -1.38 1.79 9.37
C LEU B 14 -0.73 3.18 9.22
N ILE B 15 -0.44 3.58 7.98
CA ILE B 15 -0.03 4.96 7.67
C ILE B 15 -1.16 5.55 6.84
N LEU B 16 -1.77 6.60 7.37
CA LEU B 16 -2.95 7.21 6.78
C LEU B 16 -2.68 8.63 6.33
N GLU B 17 -3.25 9.00 5.18
CA GLU B 17 -3.28 10.38 4.73
C GLU B 17 -4.63 10.97 5.13
N ARG B 18 -4.61 12.17 5.71
CA ARG B 18 -5.81 12.73 6.35
C ARG B 18 -6.88 13.25 5.40
N SER B 19 -6.47 14.07 4.44
CA SER B 19 -7.42 14.77 3.56
C SER B 19 -8.31 13.84 2.73
N THR B 20 -7.77 12.69 2.31
CA THR B 20 -8.52 11.70 1.53
C THR B 20 -8.95 10.49 2.36
N ARG B 21 -8.46 10.41 3.60
CA ARG B 21 -8.68 9.27 4.49
C ARG B 21 -8.18 7.96 3.88
N SER B 22 -7.05 8.03 3.20
CA SER B 22 -6.50 6.85 2.51
C SER B 22 -5.49 6.12 3.37
N ILE B 23 -5.57 4.81 3.35
CA ILE B 23 -4.52 3.96 3.91
C ILE B 23 -3.41 3.85 2.87
N LEU B 24 -2.29 4.52 3.14
CA LEU B 24 -1.15 4.51 2.25
C LEU B 24 -0.35 3.23 2.40
N PHE B 25 -0.17 2.80 3.65
CA PHE B 25 0.56 1.58 3.96
C PHE B 25 -0.13 0.84 5.11
N LEU B 26 -0.02 -0.49 5.11
CA LEU B 26 -0.62 -1.35 6.10
C LEU B 26 0.32 -2.52 6.35
N GLY B 27 0.52 -2.86 7.61
CA GLY B 27 1.38 -3.96 7.91
C GLY B 27 1.22 -4.55 9.28
N LYS B 28 1.97 -5.63 9.48
CA LYS B 28 2.13 -6.25 10.78
C LYS B 28 3.61 -6.51 10.97
N VAL B 29 4.13 -6.08 12.12
CA VAL B 29 5.53 -6.26 12.46
C VAL B 29 5.58 -7.35 13.52
N VAL B 30 6.11 -8.49 13.11
CA VAL B 30 6.32 -9.65 13.99
C VAL B 30 7.78 -9.72 14.43
N ASN B 31 8.70 -9.51 13.49
CA ASN B 31 10.13 -9.49 13.77
C ASN B 31 10.75 -8.26 13.12
N PRO B 32 10.98 -7.21 13.91
CA PRO B 32 11.49 -5.97 13.32
C PRO B 32 12.93 -6.03 12.83
N THR B 33 13.64 -7.13 13.06
CA THR B 33 15.03 -7.29 12.61
C THR B 33 15.18 -8.32 11.48
N GLU B 34 14.05 -8.79 10.94
CA GLU B 34 14.08 -9.72 9.81
C GLU B 34 14.81 -9.10 8.62
N ALA B 35 15.71 -9.87 8.01
CA ALA B 35 16.45 -9.41 6.83
C ALA B 35 15.62 -9.66 5.57
#